data_8X5H
#
_entry.id   8X5H
#
_cell.length_a   1.00
_cell.length_b   1.00
_cell.length_c   1.00
_cell.angle_alpha   90.00
_cell.angle_beta   90.00
_cell.angle_gamma   90.00
#
_symmetry.space_group_name_H-M   'P 1'
#
_entity_poly.entity_id   1
_entity_poly.type   'polypeptide(L)'
_entity_poly.pdbx_seq_one_letter_code
;MGKSLSHLPLHSSKEDAYDGVTSENMRNGLVNSEVHNEDGRNGDVSQFPYVEFTGRDSVTCPTCQGTGRIPRGQENQLVA
LIPYSDQRLRPRRTKLYVMASVFVCLLLSGLAVFFLFPRSIDVKYIGVKSAYVSYDVQKRTIYLNITNTLNITNNNYYSV
EVENITAQVQFSKTVIGKARLNNITIIGPLDMKQIDYTVPTVIAEEMSYMYDFCTLISIKVHNIVLMMQVTVTTTYFGHS
EQISQERYQYVDCGRNTTYQLGQSEYLNVLQPQQ
;
_entity_poly.pdbx_strand_id   B,A,C
#
# COMPACT_ATOMS: atom_id res chain seq x y z
N SER A 120 4.17 4.10 9.61
CA SER A 120 4.86 3.33 10.64
C SER A 120 4.36 3.68 12.03
N ILE A 121 3.42 4.63 12.12
CA ILE A 121 2.92 5.02 13.43
C ILE A 121 1.41 4.89 13.49
N ASP A 122 0.68 5.63 12.66
CA ASP A 122 -0.78 5.68 12.75
C ASP A 122 -1.37 5.31 11.41
N VAL A 123 -1.53 4.01 11.17
CA VAL A 123 -2.14 3.50 9.94
C VAL A 123 -3.48 2.88 10.27
N LYS A 124 -4.55 3.65 10.15
CA LYS A 124 -5.87 3.17 10.53
C LYS A 124 -6.73 2.95 9.30
N TYR A 125 -7.44 1.83 9.28
CA TYR A 125 -8.50 1.59 8.31
C TYR A 125 -9.80 1.68 9.09
N ILE A 126 -10.53 2.76 8.90
CA ILE A 126 -11.70 3.06 9.70
C ILE A 126 -12.95 2.83 8.86
N GLY A 127 -13.99 2.34 9.49
CA GLY A 127 -15.16 1.94 8.76
C GLY A 127 -16.07 3.08 8.35
N VAL A 128 -16.49 3.90 9.30
CA VAL A 128 -17.48 4.92 8.99
C VAL A 128 -16.95 6.32 9.28
N LYS A 129 -16.62 6.61 10.53
CA LYS A 129 -16.23 7.97 10.88
C LYS A 129 -15.09 7.95 11.87
N SER A 130 -14.35 9.06 11.89
CA SER A 130 -13.26 9.27 12.83
C SER A 130 -13.38 10.67 13.41
N ALA A 131 -13.05 10.81 14.69
CA ALA A 131 -13.17 12.10 15.34
C ALA A 131 -12.27 12.11 16.57
N TYR A 132 -12.02 13.30 17.08
CA TYR A 132 -11.41 13.40 18.40
C TYR A 132 -12.48 13.57 19.47
N VAL A 133 -13.33 14.57 19.32
CA VAL A 133 -14.50 14.74 20.16
C VAL A 133 -15.71 14.64 19.27
N SER A 134 -16.65 13.76 19.63
CA SER A 134 -17.78 13.47 18.77
C SER A 134 -19.06 13.45 19.57
N TYR A 135 -20.13 13.96 18.95
CA TYR A 135 -21.48 13.87 19.50
C TYR A 135 -22.36 13.21 18.45
N ASP A 136 -23.17 12.24 18.88
CA ASP A 136 -24.10 11.56 17.98
C ASP A 136 -25.46 11.52 18.67
N VAL A 137 -26.42 12.30 18.17
CA VAL A 137 -27.72 12.44 18.79
C VAL A 137 -28.76 12.21 17.69
N GLN A 138 -29.43 11.06 17.72
CA GLN A 138 -30.22 10.62 16.59
C GLN A 138 -31.53 10.00 17.06
N LYS A 139 -32.41 9.74 16.09
CA LYS A 139 -33.47 8.74 16.20
C LYS A 139 -34.39 9.02 17.39
N ARG A 140 -35.14 10.12 17.26
CA ARG A 140 -36.25 10.40 18.16
C ARG A 140 -35.84 10.60 19.61
N THR A 141 -34.91 11.52 19.86
CA THR A 141 -34.43 11.76 21.21
C THR A 141 -34.64 13.22 21.59
N ILE A 142 -34.67 13.46 22.90
CA ILE A 142 -34.88 14.78 23.47
C ILE A 142 -33.64 15.15 24.28
N TYR A 143 -33.14 16.37 24.06
CA TYR A 143 -31.81 16.77 24.50
C TYR A 143 -31.91 18.20 25.02
N LEU A 144 -32.22 18.38 26.30
CA LEU A 144 -32.57 19.68 26.84
C LEU A 144 -31.51 20.21 27.81
N ASN A 145 -31.24 21.52 27.70
CA ASN A 145 -30.51 22.35 28.64
C ASN A 145 -29.36 21.64 29.35
N ILE A 146 -28.42 21.13 28.57
CA ILE A 146 -27.22 20.58 29.13
C ILE A 146 -26.15 21.66 29.08
N THR A 147 -24.98 21.36 29.66
CA THR A 147 -23.87 22.31 29.69
C THR A 147 -22.57 21.54 29.48
N ASN A 148 -22.12 21.46 28.23
CA ASN A 148 -20.84 20.83 27.92
C ASN A 148 -19.72 21.83 28.06
N THR A 149 -18.58 21.39 28.58
CA THR A 149 -17.46 22.29 28.80
C THR A 149 -16.17 21.48 28.70
N LEU A 150 -15.51 21.56 27.56
CA LEU A 150 -14.26 20.86 27.34
C LEU A 150 -13.08 21.80 27.51
N ASN A 151 -12.00 21.28 28.05
CA ASN A 151 -10.75 22.04 28.17
C ASN A 151 -9.65 21.07 27.75
N ILE A 152 -9.38 21.01 26.46
CA ILE A 152 -8.51 20.00 25.88
C ILE A 152 -7.12 20.58 25.71
N THR A 153 -6.13 19.69 25.72
CA THR A 153 -4.73 20.05 25.43
C THR A 153 -4.09 18.83 24.78
N ASN A 154 -4.08 18.80 23.45
CA ASN A 154 -3.59 17.67 22.70
C ASN A 154 -2.42 18.11 21.82
N ASN A 155 -1.21 17.71 22.18
CA ASN A 155 -0.01 18.07 21.43
C ASN A 155 0.76 16.82 21.06
N ASN A 156 1.20 16.72 19.82
CA ASN A 156 1.90 15.55 19.32
C ASN A 156 3.25 15.98 18.76
N TYR A 157 4.33 15.53 19.40
CA TYR A 157 5.68 15.86 18.97
C TYR A 157 6.33 14.63 18.35
N TYR A 158 6.13 14.44 17.05
CA TYR A 158 6.77 13.33 16.37
C TYR A 158 8.19 13.71 15.98
N SER A 159 9.13 12.80 16.21
CA SER A 159 10.49 12.96 15.72
C SER A 159 10.95 11.58 15.27
N VAL A 160 10.69 11.25 14.01
CA VAL A 160 10.88 9.89 13.54
C VAL A 160 12.04 9.87 12.55
N GLU A 161 12.55 8.67 12.31
CA GLU A 161 13.44 8.36 11.21
C GLU A 161 14.76 9.14 11.27
N VAL A 162 15.08 9.75 12.41
CA VAL A 162 16.31 10.52 12.51
C VAL A 162 17.50 9.58 12.49
N GLU A 163 18.23 9.56 11.38
CA GLU A 163 19.31 8.61 11.19
C GLU A 163 20.65 9.33 11.12
N ASN A 164 21.70 8.62 11.51
CA ASN A 164 23.07 9.14 11.48
C ASN A 164 23.92 8.01 10.91
N ILE A 165 24.01 7.96 9.60
CA ILE A 165 24.62 6.83 8.91
C ILE A 165 26.07 7.19 8.56
N THR A 166 26.93 6.17 8.55
CA THR A 166 28.32 6.37 8.17
C THR A 166 28.83 5.05 7.59
N ALA A 167 28.80 4.93 6.27
CA ALA A 167 29.06 3.67 5.60
C ALA A 167 30.21 3.79 4.62
N GLN A 168 31.05 2.76 4.57
CA GLN A 168 32.03 2.58 3.52
C GLN A 168 31.72 1.26 2.83
N VAL A 169 31.58 1.29 1.50
CA VAL A 169 31.21 0.13 0.73
C VAL A 169 32.21 0.01 -0.41
N GLN A 170 33.24 -0.79 -0.21
CA GLN A 170 34.21 -1.06 -1.25
C GLN A 170 34.06 -2.50 -1.74
N PHE A 171 34.53 -2.73 -2.97
CA PHE A 171 34.56 -4.07 -3.52
C PHE A 171 35.96 -4.66 -3.56
N SER A 172 36.99 -3.81 -3.62
CA SER A 172 38.36 -4.26 -3.45
C SER A 172 39.16 -3.05 -2.99
N LYS A 173 39.38 -2.94 -1.70
CA LYS A 173 40.06 -1.79 -1.12
C LYS A 173 41.53 -2.15 -0.86
N THR A 174 42.43 -1.38 -1.46
CA THR A 174 43.87 -1.46 -1.20
C THR A 174 44.42 -2.83 -1.57
N VAL A 175 44.42 -3.11 -2.86
CA VAL A 175 45.11 -4.27 -3.41
C VAL A 175 46.41 -3.81 -4.04
N ILE A 176 47.54 -4.37 -3.59
CA ILE A 176 48.86 -3.96 -4.05
C ILE A 176 49.69 -5.20 -4.33
N GLY A 177 50.79 -5.01 -5.04
CA GLY A 177 51.83 -6.00 -5.11
C GLY A 177 51.54 -7.23 -5.97
N LYS A 178 51.29 -7.03 -7.26
CA LYS A 178 51.25 -8.10 -8.25
C LYS A 178 50.20 -9.16 -7.92
N ALA A 179 49.03 -8.72 -7.49
CA ALA A 179 47.90 -9.62 -7.27
C ALA A 179 47.06 -9.70 -8.54
N ARG A 180 46.07 -10.58 -8.52
CA ARG A 180 45.11 -10.61 -9.61
C ARG A 180 43.76 -11.09 -9.09
N LEU A 181 42.71 -10.34 -9.41
CA LEU A 181 41.37 -10.64 -8.97
C LEU A 181 40.52 -11.02 -10.18
N ASN A 182 39.43 -11.73 -9.92
CA ASN A 182 38.57 -12.17 -11.01
C ASN A 182 37.21 -12.56 -10.46
N ASN A 183 36.16 -12.19 -11.18
CA ASN A 183 34.79 -12.52 -10.82
C ASN A 183 34.53 -12.25 -9.36
N ILE A 184 34.70 -11.00 -8.96
CA ILE A 184 34.57 -10.65 -7.55
C ILE A 184 33.11 -10.74 -7.11
N THR A 185 32.23 -10.00 -7.77
CA THR A 185 30.80 -10.00 -7.48
C THR A 185 30.07 -10.35 -8.74
N ILE A 186 29.51 -11.56 -8.81
CA ILE A 186 28.82 -12.00 -10.00
C ILE A 186 27.41 -12.43 -9.63
N ILE A 187 26.43 -11.57 -9.94
CA ILE A 187 25.03 -11.91 -9.79
C ILE A 187 24.62 -12.54 -11.12
N GLY A 188 24.71 -13.87 -11.17
CA GLY A 188 24.61 -14.60 -12.41
C GLY A 188 23.24 -14.55 -13.05
N PRO A 189 23.03 -15.41 -14.06
CA PRO A 189 21.80 -15.36 -14.85
C PRO A 189 20.54 -15.24 -14.02
N LEU A 190 19.73 -14.22 -14.32
CA LEU A 190 18.58 -13.86 -13.52
C LEU A 190 17.34 -13.91 -14.39
N ASP A 191 16.24 -14.42 -13.85
CA ASP A 191 14.99 -14.47 -14.59
C ASP A 191 13.84 -14.19 -13.64
N MET A 192 12.91 -13.34 -14.08
CA MET A 192 11.70 -13.08 -13.33
C MET A 192 10.52 -13.08 -14.28
N LYS A 193 9.44 -13.72 -13.87
CA LYS A 193 8.22 -13.78 -14.66
C LYS A 193 7.08 -13.56 -13.67
N GLN A 194 6.75 -12.30 -13.40
CA GLN A 194 5.96 -12.00 -12.21
C GLN A 194 4.52 -12.42 -12.36
N ILE A 195 3.78 -11.80 -13.26
CA ILE A 195 2.37 -12.13 -13.45
C ILE A 195 2.24 -12.76 -14.82
N ASP A 196 1.97 -14.06 -14.84
CA ASP A 196 1.92 -14.81 -16.09
C ASP A 196 0.94 -15.96 -15.89
N TYR A 197 -0.32 -15.74 -16.20
CA TYR A 197 -1.31 -16.77 -15.94
C TYR A 197 -2.24 -16.91 -17.13
N THR A 198 -2.60 -18.15 -17.44
CA THR A 198 -3.40 -18.47 -18.61
C THR A 198 -4.79 -18.87 -18.17
N VAL A 199 -5.81 -18.29 -18.80
CA VAL A 199 -7.19 -18.64 -18.49
C VAL A 199 -7.88 -19.12 -19.75
N PRO A 200 -7.47 -20.26 -20.34
CA PRO A 200 -8.11 -20.70 -21.58
C PRO A 200 -9.54 -21.15 -21.32
N THR A 201 -10.38 -21.02 -22.35
CA THR A 201 -11.79 -21.37 -22.23
C THR A 201 -12.28 -21.88 -23.59
N VAL A 202 -12.70 -23.13 -23.65
CA VAL A 202 -13.21 -23.75 -24.86
C VAL A 202 -14.66 -24.13 -24.62
N ILE A 203 -15.57 -23.46 -25.30
CA ILE A 203 -17.00 -23.70 -25.18
C ILE A 203 -17.58 -23.94 -26.56
N ALA A 204 -18.57 -24.82 -26.65
CA ALA A 204 -19.25 -25.07 -27.91
C ALA A 204 -20.49 -24.20 -28.06
N GLU A 205 -21.37 -24.22 -27.06
CA GLU A 205 -22.59 -23.44 -27.11
C GLU A 205 -22.81 -22.79 -25.75
N GLU A 206 -22.85 -21.47 -25.72
CA GLU A 206 -23.06 -20.74 -24.48
C GLU A 206 -24.24 -19.79 -24.64
N MET A 207 -25.12 -19.76 -23.65
CA MET A 207 -26.24 -18.83 -23.60
C MET A 207 -26.26 -18.15 -22.25
N SER A 208 -26.42 -16.83 -22.25
CA SER A 208 -26.32 -16.05 -21.03
C SER A 208 -27.54 -15.17 -20.86
N TYR A 209 -28.02 -15.05 -19.63
CA TYR A 209 -29.15 -14.18 -19.30
C TYR A 209 -28.83 -13.46 -18.00
N MET A 210 -28.86 -12.14 -18.03
CA MET A 210 -28.60 -11.34 -16.84
C MET A 210 -29.68 -10.27 -16.72
N TYR A 211 -30.42 -10.32 -15.63
CA TYR A 211 -31.46 -9.32 -15.34
C TYR A 211 -31.02 -8.61 -14.07
N ASP A 212 -30.35 -7.47 -14.22
CA ASP A 212 -29.68 -6.80 -13.12
C ASP A 212 -30.43 -5.55 -12.74
N PHE A 213 -30.62 -5.36 -11.43
CA PHE A 213 -31.40 -4.26 -10.89
C PHE A 213 -30.72 -3.74 -9.65
N CYS A 214 -30.27 -2.49 -9.70
CA CYS A 214 -29.65 -1.84 -8.54
C CYS A 214 -28.49 -2.64 -7.98
N THR A 215 -27.71 -3.30 -8.83
CA THR A 215 -26.63 -4.14 -8.38
C THR A 215 -25.28 -3.49 -8.65
N LEU A 216 -24.24 -4.28 -8.46
CA LEU A 216 -22.87 -3.93 -8.78
C LEU A 216 -22.19 -5.21 -9.25
N ILE A 217 -22.05 -5.36 -10.56
CA ILE A 217 -21.54 -6.60 -11.17
C ILE A 217 -20.10 -6.37 -11.60
N SER A 218 -19.34 -7.46 -11.68
CA SER A 218 -18.05 -7.45 -12.36
C SER A 218 -17.82 -8.83 -12.94
N ILE A 219 -17.74 -8.92 -14.26
CA ILE A 219 -17.61 -10.18 -14.96
C ILE A 219 -16.28 -10.21 -15.68
N LYS A 220 -15.45 -11.20 -15.36
CA LYS A 220 -14.23 -11.51 -16.10
C LYS A 220 -13.27 -10.33 -16.20
N VAL A 221 -13.37 -9.35 -15.32
CA VAL A 221 -12.49 -8.20 -15.33
C VAL A 221 -11.10 -8.66 -14.90
N HIS A 222 -10.10 -7.83 -15.10
CA HIS A 222 -8.74 -8.12 -14.64
C HIS A 222 -8.18 -6.85 -14.01
N ASN A 223 -8.08 -6.84 -12.69
CA ASN A 223 -7.54 -5.70 -11.97
C ASN A 223 -6.14 -6.08 -11.50
N ILE A 224 -5.12 -5.44 -12.07
CA ILE A 224 -3.73 -5.70 -11.74
C ILE A 224 -3.09 -4.40 -11.29
N VAL A 225 -2.35 -4.47 -10.18
CA VAL A 225 -1.54 -3.35 -9.70
C VAL A 225 -0.15 -3.88 -9.38
N LEU A 226 0.86 -3.25 -9.94
CA LEU A 226 2.23 -3.71 -9.76
C LEU A 226 3.12 -2.50 -9.51
N MET A 227 3.91 -2.56 -8.44
CA MET A 227 4.70 -1.41 -8.01
C MET A 227 6.08 -1.88 -7.61
N MET A 228 7.09 -1.61 -8.42
CA MET A 228 8.47 -1.96 -8.14
C MET A 228 9.18 -0.72 -7.64
N GLN A 229 9.56 -0.71 -6.37
CA GLN A 229 10.18 0.50 -5.83
C GLN A 229 11.65 0.59 -6.22
N VAL A 230 12.47 -0.32 -5.73
CA VAL A 230 13.91 -0.28 -5.94
C VAL A 230 14.30 -1.64 -6.55
N THR A 231 14.27 -1.71 -7.86
CA THR A 231 14.64 -2.94 -8.56
C THR A 231 16.15 -2.94 -8.72
N VAL A 232 16.69 -3.77 -9.61
CA VAL A 232 18.11 -4.04 -9.72
C VAL A 232 18.91 -2.77 -9.56
N THR A 233 19.87 -2.78 -8.65
CA THR A 233 20.62 -1.58 -8.30
C THR A 233 21.87 -1.99 -7.57
N THR A 234 22.50 -1.00 -6.94
CA THR A 234 23.62 -1.25 -6.04
C THR A 234 23.76 -0.03 -5.14
N THR A 235 23.91 -0.28 -3.84
CA THR A 235 24.28 0.76 -2.90
C THR A 235 23.23 1.88 -2.87
N TYR A 236 22.06 1.52 -2.38
CA TYR A 236 20.99 2.48 -2.13
C TYR A 236 21.08 2.98 -0.70
N PHE A 237 20.82 4.26 -0.50
CA PHE A 237 20.75 4.85 0.83
C PHE A 237 19.42 5.58 0.99
N GLY A 238 19.07 5.89 2.23
CA GLY A 238 17.96 6.79 2.44
C GLY A 238 16.66 6.21 2.93
N HIS A 239 15.64 6.24 2.09
CA HIS A 239 14.29 5.91 2.52
C HIS A 239 13.48 5.50 1.30
N SER A 240 12.46 4.68 1.51
CA SER A 240 11.60 4.20 0.43
C SER A 240 10.19 4.03 0.98
N GLU A 241 9.20 4.20 0.12
CA GLU A 241 7.82 4.11 0.59
C GLU A 241 6.91 3.69 -0.54
N GLN A 242 5.99 2.77 -0.26
CA GLN A 242 5.01 2.31 -1.23
C GLN A 242 3.66 2.25 -0.55
N ILE A 243 2.68 2.94 -1.12
CA ILE A 243 1.34 3.01 -0.53
C ILE A 243 0.32 2.85 -1.65
N SER A 244 -0.74 2.09 -1.39
CA SER A 244 -1.80 1.90 -2.35
C SER A 244 -3.13 1.76 -1.63
N GLN A 245 -4.20 2.27 -2.24
CA GLN A 245 -5.54 2.11 -1.70
C GLN A 245 -6.55 2.45 -2.78
N GLU A 246 -7.41 1.50 -3.17
CA GLU A 246 -8.10 1.66 -4.45
C GLU A 246 -9.59 1.36 -4.32
N ARG A 247 -10.30 1.62 -5.41
CA ARG A 247 -11.62 1.06 -5.68
C ARG A 247 -12.59 1.32 -4.52
N TYR A 248 -12.97 2.58 -4.37
CA TYR A 248 -14.14 2.92 -3.57
C TYR A 248 -15.34 2.90 -4.50
N GLN A 249 -15.97 1.74 -4.63
CA GLN A 249 -17.13 1.58 -5.49
C GLN A 249 -18.39 1.53 -4.65
N TYR A 250 -19.52 1.80 -5.29
CA TYR A 250 -20.67 2.26 -4.53
C TYR A 250 -21.91 2.21 -5.40
N VAL A 251 -23.03 1.80 -4.84
CA VAL A 251 -24.32 1.81 -5.51
C VAL A 251 -25.39 2.16 -4.49
N ASP A 252 -26.28 3.08 -4.84
CA ASP A 252 -27.30 3.55 -3.92
C ASP A 252 -28.62 3.65 -4.65
N CYS A 253 -29.64 2.95 -4.15
CA CYS A 253 -30.96 2.99 -4.76
C CYS A 253 -31.98 3.39 -3.71
N GLY A 254 -33.00 4.12 -4.15
CA GLY A 254 -34.04 4.58 -3.25
C GLY A 254 -35.40 4.01 -3.55
N SER B 120 4.16 7.53 6.21
CA SER B 120 4.84 6.78 7.25
C SER B 120 4.31 7.12 8.64
N ILE B 121 3.38 8.06 8.72
CA ILE B 121 2.86 8.46 10.02
C ILE B 121 1.35 8.30 10.07
N ASP B 122 0.62 9.05 9.24
CA ASP B 122 -0.84 9.07 9.32
C ASP B 122 -1.41 8.70 7.96
N VAL B 123 -1.56 7.40 7.72
CA VAL B 123 -2.15 6.89 6.50
C VAL B 123 -3.49 6.26 6.81
N LYS B 124 -4.56 7.01 6.68
CA LYS B 124 -5.88 6.53 7.06
C LYS B 124 -6.73 6.30 5.81
N TYR B 125 -7.42 5.17 5.78
CA TYR B 125 -8.48 4.92 4.81
C TYR B 125 -9.79 5.00 5.57
N ILE B 126 -10.52 6.07 5.37
CA ILE B 126 -11.71 6.36 6.17
C ILE B 126 -12.94 6.12 5.31
N GLY B 127 -13.99 5.63 5.94
CA GLY B 127 -15.16 5.21 5.19
C GLY B 127 -16.06 6.34 4.78
N VAL B 128 -16.49 7.17 5.72
CA VAL B 128 -17.50 8.17 5.41
C VAL B 128 -16.99 9.58 5.69
N LYS B 129 -16.66 9.87 6.94
CA LYS B 129 -16.29 11.22 7.31
C LYS B 129 -15.16 11.22 8.30
N SER B 130 -14.43 12.34 8.34
CA SER B 130 -13.35 12.56 9.28
C SER B 130 -13.49 13.96 9.85
N ALA B 131 -13.17 14.10 11.13
CA ALA B 131 -13.30 15.39 11.78
C ALA B 131 -12.42 15.41 13.02
N TYR B 132 -12.18 16.60 13.54
CA TYR B 132 -11.58 16.71 14.86
C TYR B 132 -12.67 16.87 15.93
N VAL B 133 -13.52 17.87 15.77
CA VAL B 133 -14.70 18.03 16.60
C VAL B 133 -15.91 17.91 15.69
N SER B 134 -16.83 17.02 16.05
CA SER B 134 -17.96 16.72 15.17
C SER B 134 -19.25 16.70 15.96
N TYR B 135 -20.32 17.18 15.33
CA TYR B 135 -21.66 17.09 15.87
C TYR B 135 -22.54 16.42 14.82
N ASP B 136 -23.35 15.45 15.24
CA ASP B 136 -24.26 14.75 14.34
C ASP B 136 -25.62 14.70 15.01
N VAL B 137 -26.58 15.47 14.50
CA VAL B 137 -27.89 15.60 15.10
C VAL B 137 -28.92 15.37 14.00
N GLN B 138 -29.57 14.21 14.03
CA GLN B 138 -30.36 13.76 12.89
C GLN B 138 -31.67 13.13 13.35
N LYS B 139 -32.53 12.86 12.36
CA LYS B 139 -33.58 11.85 12.46
C LYS B 139 -34.52 12.13 13.65
N ARG B 140 -35.27 13.22 13.51
CA ARG B 140 -36.40 13.49 14.41
C ARG B 140 -35.99 13.70 15.86
N THR B 141 -35.08 14.62 16.11
CA THR B 141 -34.62 14.87 17.47
C THR B 141 -34.84 16.33 17.85
N ILE B 142 -34.89 16.57 19.16
CA ILE B 142 -35.10 17.88 19.72
C ILE B 142 -33.89 18.26 20.54
N TYR B 143 -33.39 19.48 20.32
CA TYR B 143 -32.06 19.90 20.78
C TYR B 143 -32.19 21.34 21.29
N LEU B 144 -32.51 21.50 22.58
CA LEU B 144 -32.87 22.81 23.12
C LEU B 144 -31.83 23.35 24.09
N ASN B 145 -31.56 24.65 23.98
CA ASN B 145 -30.85 25.49 24.94
C ASN B 145 -29.71 24.79 25.65
N ILE B 146 -28.75 24.29 24.88
CA ILE B 146 -27.55 23.76 25.44
C ILE B 146 -26.48 24.84 25.42
N THR B 147 -25.32 24.56 26.00
CA THR B 147 -24.22 25.51 26.04
C THR B 147 -22.91 24.75 25.83
N ASN B 148 -22.46 24.67 24.59
CA ASN B 148 -21.17 24.05 24.30
C ASN B 148 -20.05 25.07 24.44
N THR B 149 -18.92 24.64 24.97
CA THR B 149 -17.80 25.55 25.21
C THR B 149 -16.51 24.75 25.12
N LEU B 150 -15.84 24.84 23.98
CA LEU B 150 -14.58 24.15 23.77
C LEU B 150 -13.41 25.10 23.96
N ASN B 151 -12.32 24.58 24.51
CA ASN B 151 -11.08 25.35 24.64
C ASN B 151 -9.97 24.39 24.23
N ILE B 152 -9.69 24.34 22.94
CA ILE B 152 -8.81 23.33 22.37
C ILE B 152 -7.41 23.92 22.21
N THR B 153 -6.42 23.05 22.24
CA THR B 153 -5.03 23.42 21.96
C THR B 153 -4.37 22.20 21.31
N ASN B 154 -4.35 22.18 19.98
CA ASN B 154 -3.84 21.04 19.23
C ASN B 154 -2.67 21.49 18.37
N ASN B 155 -1.46 21.10 18.73
CA ASN B 155 -0.26 21.47 17.99
C ASN B 155 0.53 20.23 17.64
N ASN B 156 0.98 20.15 16.39
CA ASN B 156 1.70 18.97 15.90
C ASN B 156 3.06 19.41 15.36
N TYR B 157 4.13 18.96 16.00
CA TYR B 157 5.48 19.32 15.58
C TYR B 157 6.14 18.09 14.97
N TYR B 158 5.96 17.90 13.67
CA TYR B 158 6.62 16.80 12.99
C TYR B 158 8.04 17.19 12.62
N SER B 159 8.97 16.29 12.86
CA SER B 159 10.34 16.45 12.38
C SER B 159 10.82 15.08 11.93
N VAL B 160 10.56 14.76 10.67
CA VAL B 160 10.78 13.39 10.20
C VAL B 160 11.94 13.38 9.22
N GLU B 161 12.47 12.18 9.00
CA GLU B 161 13.38 11.88 7.90
C GLU B 161 14.68 12.68 7.96
N VAL B 162 14.99 13.29 9.11
CA VAL B 162 16.20 14.08 9.23
C VAL B 162 17.41 13.14 9.22
N GLU B 163 18.14 13.12 8.11
CA GLU B 163 19.24 12.19 7.93
C GLU B 163 20.57 12.92 7.88
N ASN B 164 21.63 12.21 8.27
CA ASN B 164 22.99 12.75 8.26
C ASN B 164 23.86 11.62 7.70
N ILE B 165 23.96 11.57 6.39
CA ILE B 165 24.59 10.46 5.70
C ILE B 165 26.03 10.81 5.37
N THR B 166 26.91 9.81 5.36
CA THR B 166 28.31 10.02 4.98
C THR B 166 28.82 8.70 4.41
N ALA B 167 28.80 8.59 3.10
CA ALA B 167 29.08 7.33 2.43
C ALA B 167 30.24 7.46 1.46
N GLN B 168 31.09 6.44 1.43
CA GLN B 168 32.08 6.26 0.37
C GLN B 168 31.78 4.94 -0.32
N VAL B 169 31.66 4.98 -1.64
CA VAL B 169 31.30 3.80 -2.43
C VAL B 169 32.32 3.69 -3.55
N GLN B 170 33.35 2.90 -3.34
CA GLN B 170 34.34 2.64 -4.37
C GLN B 170 34.21 1.20 -4.86
N PHE B 171 34.68 0.97 -6.09
CA PHE B 171 34.73 -0.36 -6.64
C PHE B 171 36.13 -0.94 -6.66
N SER B 172 37.16 -0.08 -6.71
CA SER B 172 38.53 -0.53 -6.53
C SER B 172 39.31 0.69 -6.07
N LYS B 173 39.53 0.81 -4.77
CA LYS B 173 40.20 1.96 -4.19
C LYS B 173 41.65 1.62 -3.92
N THR B 174 42.56 2.39 -4.50
CA THR B 174 43.99 2.32 -4.23
C THR B 174 44.56 0.95 -4.60
N VAL B 175 44.58 0.68 -5.90
CA VAL B 175 45.28 -0.48 -6.43
C VAL B 175 46.58 -0.01 -7.06
N ILE B 176 47.71 -0.55 -6.59
CA ILE B 176 49.03 -0.12 -7.04
C ILE B 176 49.87 -1.37 -7.32
N GLY B 177 50.97 -1.16 -8.02
CA GLY B 177 52.02 -2.15 -8.08
C GLY B 177 51.75 -3.37 -8.94
N LYS B 178 51.52 -3.18 -10.23
CA LYS B 178 51.50 -4.26 -11.22
C LYS B 178 50.45 -5.32 -10.90
N ALA B 179 49.27 -4.89 -10.47
CA ALA B 179 48.16 -5.80 -10.27
C ALA B 179 47.33 -5.89 -11.53
N ARG B 180 46.34 -6.77 -11.53
CA ARG B 180 45.39 -6.82 -12.63
C ARG B 180 44.04 -7.30 -12.13
N LEU B 181 43.00 -6.56 -12.46
CA LEU B 181 41.64 -6.87 -12.03
C LEU B 181 40.82 -7.27 -13.24
N ASN B 182 39.72 -7.99 -12.99
CA ASN B 182 38.88 -8.44 -14.09
C ASN B 182 37.51 -8.83 -13.54
N ASN B 183 36.47 -8.47 -14.28
CA ASN B 183 35.09 -8.81 -13.95
C ASN B 183 34.82 -8.55 -12.47
N ILE B 184 34.98 -7.29 -12.08
CA ILE B 184 34.83 -6.95 -10.67
C ILE B 184 33.37 -7.05 -10.24
N THR B 185 32.49 -6.31 -10.91
CA THR B 185 31.06 -6.34 -10.62
C THR B 185 30.33 -6.70 -11.90
N ILE B 186 29.79 -7.90 -11.97
CA ILE B 186 29.11 -8.35 -13.17
C ILE B 186 27.71 -8.78 -12.81
N ILE B 187 26.73 -7.94 -13.13
CA ILE B 187 25.32 -8.28 -12.99
C ILE B 187 24.94 -8.92 -14.32
N GLY B 188 25.03 -10.25 -14.37
CA GLY B 188 24.95 -10.98 -15.62
C GLY B 188 23.58 -10.94 -16.26
N PRO B 189 23.39 -11.80 -17.28
CA PRO B 189 22.16 -11.77 -18.08
C PRO B 189 20.90 -11.66 -17.26
N LEU B 190 20.10 -10.65 -17.56
CA LEU B 190 18.93 -10.30 -16.77
C LEU B 190 17.69 -10.35 -17.66
N ASP B 191 16.59 -10.88 -17.13
CA ASP B 191 15.36 -10.94 -17.88
C ASP B 191 14.19 -10.66 -16.94
N MET B 192 13.26 -9.83 -17.38
CA MET B 192 12.04 -9.57 -16.65
C MET B 192 10.86 -9.59 -17.61
N LYS B 193 9.79 -10.25 -17.22
CA LYS B 193 8.58 -10.31 -18.01
C LYS B 193 7.43 -10.10 -17.03
N GLN B 194 7.08 -8.84 -16.77
CA GLN B 194 6.30 -8.55 -15.58
C GLN B 194 4.85 -8.99 -15.74
N ILE B 195 4.11 -8.37 -16.65
CA ILE B 195 2.71 -8.71 -16.85
C ILE B 195 2.59 -9.34 -18.22
N ASP B 196 2.33 -10.65 -18.25
CA ASP B 196 2.30 -11.40 -19.50
C ASP B 196 1.34 -12.56 -19.30
N TYR B 197 0.06 -12.35 -19.62
CA TYR B 197 -0.91 -13.38 -19.38
C TYR B 197 -1.83 -13.52 -20.57
N THR B 198 -2.18 -14.77 -20.89
CA THR B 198 -2.97 -15.10 -22.06
C THR B 198 -4.36 -15.52 -21.64
N VAL B 199 -5.37 -14.94 -22.27
CA VAL B 199 -6.75 -15.31 -21.98
C VAL B 199 -7.42 -15.79 -23.26
N PRO B 200 -7.01 -16.91 -23.83
CA PRO B 200 -7.64 -17.37 -25.07
C PRO B 200 -9.06 -17.83 -24.84
N THR B 201 -9.89 -17.71 -25.86
CA THR B 201 -11.30 -18.07 -25.77
C THR B 201 -11.77 -18.58 -27.12
N VAL B 202 -12.18 -19.84 -27.18
CA VAL B 202 -12.67 -20.47 -28.40
C VAL B 202 -14.13 -20.86 -28.17
N ILE B 203 -15.04 -20.19 -28.86
CA ILE B 203 -16.46 -20.45 -28.76
C ILE B 203 -17.02 -20.69 -30.15
N ALA B 204 -18.01 -21.59 -30.23
CA ALA B 204 -18.67 -21.83 -31.51
C ALA B 204 -19.92 -20.99 -31.67
N GLU B 205 -20.81 -21.01 -30.68
CA GLU B 205 -22.04 -20.24 -30.73
C GLU B 205 -22.28 -19.60 -29.37
N GLU B 206 -22.33 -18.28 -29.35
CA GLU B 206 -22.56 -17.53 -28.11
C GLU B 206 -23.74 -16.60 -28.28
N MET B 207 -24.63 -16.58 -27.30
CA MET B 207 -25.76 -15.67 -27.26
C MET B 207 -25.79 -14.98 -25.90
N SER B 208 -25.97 -13.66 -25.90
CA SER B 208 -25.88 -12.89 -24.68
C SER B 208 -27.12 -12.00 -24.53
N TYR B 209 -27.61 -11.90 -23.31
CA TYR B 209 -28.75 -11.04 -22.99
C TYR B 209 -28.46 -10.32 -21.69
N MET B 210 -28.49 -8.99 -21.71
CA MET B 210 -28.24 -8.19 -20.53
C MET B 210 -29.33 -7.14 -20.42
N TYR B 211 -30.09 -7.18 -19.33
CA TYR B 211 -31.13 -6.19 -19.05
C TYR B 211 -30.71 -5.48 -17.77
N ASP B 212 -30.06 -4.33 -17.92
CA ASP B 212 -29.40 -3.66 -16.81
C ASP B 212 -30.17 -2.41 -16.43
N PHE B 213 -30.37 -2.23 -15.14
CA PHE B 213 -31.16 -1.14 -14.61
C PHE B 213 -30.49 -0.60 -13.35
N CYS B 214 -30.04 0.65 -13.40
CA CYS B 214 -29.46 1.30 -12.24
C CYS B 214 -28.29 0.52 -11.67
N THR B 215 -27.50 -0.14 -12.51
CA THR B 215 -26.41 -0.96 -12.05
C THR B 215 -25.07 -0.31 -12.30
N LEU B 216 -24.02 -1.10 -12.10
CA LEU B 216 -22.65 -0.72 -12.41
C LEU B 216 -21.96 -2.00 -12.88
N ILE B 217 -21.81 -2.16 -14.19
CA ILE B 217 -21.28 -3.38 -14.79
C ILE B 217 -19.83 -3.15 -15.20
N SER B 218 -19.07 -4.23 -15.28
CA SER B 218 -17.78 -4.20 -15.95
C SER B 218 -17.53 -5.58 -16.53
N ILE B 219 -17.43 -5.67 -17.85
CA ILE B 219 -17.27 -6.94 -18.54
C ILE B 219 -15.93 -6.95 -19.25
N LYS B 220 -15.11 -7.93 -18.93
CA LYS B 220 -13.88 -8.23 -19.65
C LYS B 220 -12.93 -7.05 -19.75
N VAL B 221 -13.05 -6.07 -18.86
CA VAL B 221 -12.17 -4.91 -18.87
C VAL B 221 -10.79 -5.35 -18.43
N HIS B 222 -9.78 -4.51 -18.62
CA HIS B 222 -8.43 -4.79 -18.15
C HIS B 222 -7.90 -3.52 -17.51
N ASN B 223 -7.80 -3.50 -16.18
CA ASN B 223 -7.26 -2.37 -15.46
C ASN B 223 -5.87 -2.73 -14.99
N ILE B 224 -4.86 -2.08 -15.55
CA ILE B 224 -3.47 -2.33 -15.20
C ILE B 224 -2.84 -1.02 -14.74
N VAL B 225 -2.12 -1.08 -13.63
CA VAL B 225 -1.32 0.04 -13.13
C VAL B 225 0.07 -0.48 -12.81
N LEU B 226 1.09 0.16 -13.37
CA LEU B 226 2.46 -0.29 -13.17
C LEU B 226 3.33 0.92 -12.91
N MET B 227 4.12 0.88 -11.83
CA MET B 227 4.89 2.03 -11.40
C MET B 227 6.27 1.57 -10.99
N MET B 228 7.28 1.85 -11.80
CA MET B 228 8.67 1.50 -11.49
C MET B 228 9.36 2.76 -10.99
N GLN B 229 9.73 2.78 -9.71
CA GLN B 229 10.34 3.99 -9.17
C GLN B 229 11.80 4.09 -9.54
N VAL B 230 12.63 3.19 -9.05
CA VAL B 230 14.07 3.24 -9.24
C VAL B 230 14.48 1.89 -9.85
N THR B 231 14.47 1.81 -11.16
CA THR B 231 14.84 0.60 -11.85
C THR B 231 16.36 0.60 -12.00
N VAL B 232 16.91 -0.23 -12.88
CA VAL B 232 18.34 -0.49 -12.98
C VAL B 232 19.13 0.80 -12.82
N THR B 233 20.08 0.79 -11.89
CA THR B 233 20.80 2.01 -11.55
C THR B 233 22.06 1.61 -10.81
N THR B 234 22.68 2.59 -10.17
CA THR B 234 23.79 2.36 -9.26
C THR B 234 23.91 3.57 -8.35
N THR B 235 24.05 3.33 -7.06
CA THR B 235 24.41 4.37 -6.11
C THR B 235 23.35 5.48 -6.09
N TYR B 236 22.17 5.11 -5.62
CA TYR B 236 21.10 6.07 -5.38
C TYR B 236 21.17 6.56 -3.94
N PHE B 237 20.90 7.84 -3.74
CA PHE B 237 20.80 8.44 -2.42
C PHE B 237 19.47 9.15 -2.27
N GLY B 238 19.10 9.46 -1.03
CA GLY B 238 17.99 10.36 -0.84
C GLY B 238 16.69 9.75 -0.35
N HIS B 239 15.67 9.77 -1.20
CA HIS B 239 14.32 9.43 -0.78
C HIS B 239 13.53 9.02 -2.01
N SER B 240 12.52 8.19 -1.81
CA SER B 240 11.67 7.71 -2.89
C SER B 240 10.26 7.52 -2.36
N GLU B 241 9.26 7.68 -3.23
CA GLU B 241 7.88 7.59 -2.77
C GLU B 241 6.98 7.16 -3.91
N GLN B 242 6.07 6.23 -3.64
CA GLN B 242 5.11 5.75 -4.61
C GLN B 242 3.75 5.68 -3.94
N ILE B 243 2.77 6.36 -4.52
CA ILE B 243 1.42 6.43 -3.95
C ILE B 243 0.42 6.26 -5.07
N SER B 244 -0.64 5.49 -4.82
CA SER B 244 -1.70 5.29 -5.81
C SER B 244 -3.03 5.14 -5.09
N GLN B 245 -4.09 5.64 -5.72
CA GLN B 245 -5.44 5.46 -5.18
C GLN B 245 -6.45 5.79 -6.27
N GLU B 246 -7.29 4.84 -6.67
CA GLU B 246 -7.96 4.99 -7.96
C GLU B 246 -9.45 4.68 -7.83
N ARG B 247 -10.16 4.93 -8.93
CA ARG B 247 -11.48 4.36 -9.21
C ARG B 247 -12.45 4.61 -8.06
N TYR B 248 -12.85 5.86 -7.92
CA TYR B 248 -14.02 6.20 -7.12
C TYR B 248 -15.22 6.17 -8.06
N GLN B 249 -15.84 5.00 -8.20
CA GLN B 249 -16.98 4.83 -9.07
C GLN B 249 -18.26 4.78 -8.24
N TYR B 250 -19.38 5.04 -8.89
CA TYR B 250 -20.54 5.48 -8.14
C TYR B 250 -21.76 5.42 -9.02
N VAL B 251 -22.89 5.00 -8.47
CA VAL B 251 -24.18 5.01 -9.16
C VAL B 251 -25.26 5.34 -8.15
N ASP B 252 -26.15 6.26 -8.50
CA ASP B 252 -27.18 6.71 -7.59
C ASP B 252 -28.50 6.80 -8.33
N CYS B 253 -29.51 6.10 -7.86
CA CYS B 253 -30.83 6.12 -8.46
C CYS B 253 -31.87 6.52 -7.42
N GLY B 254 -32.89 7.23 -7.88
CA GLY B 254 -33.94 7.68 -6.98
C GLY B 254 -35.30 7.10 -7.31
N SER C 120 4.18 0.67 13.00
CA SER C 120 4.88 -0.11 14.01
C SER C 120 4.39 0.24 15.41
N ILE C 121 3.47 1.20 15.50
CA ILE C 121 2.97 1.61 16.82
C ILE C 121 1.47 1.48 16.89
N ASP C 122 0.74 2.23 16.08
CA ASP C 122 -0.72 2.29 16.18
C ASP C 122 -1.34 1.92 14.84
N VAL C 123 -1.51 0.62 14.60
CA VAL C 123 -2.12 0.13 13.38
C VAL C 123 -3.47 -0.49 13.72
N LYS C 124 -4.53 0.29 13.61
CA LYS C 124 -5.85 -0.17 14.01
C LYS C 124 -6.72 -0.38 12.78
N TYR C 125 -7.43 -1.50 12.77
CA TYR C 125 -8.51 -1.73 11.81
C TYR C 125 -9.81 -1.63 12.60
N ILE C 126 -10.54 -0.54 12.41
CA ILE C 126 -11.70 -0.24 13.23
C ILE C 126 -12.94 -0.46 12.40
N GLY C 127 -14.00 -0.93 13.04
CA GLY C 127 -15.18 -1.33 12.31
C GLY C 127 -16.07 -0.18 11.91
N VAL C 128 -16.47 0.66 12.87
CA VAL C 128 -17.46 1.68 12.57
C VAL C 128 -16.92 3.07 12.84
N LYS C 129 -16.57 3.36 14.10
CA LYS C 129 -16.17 4.71 14.45
C LYS C 129 -15.01 4.69 15.43
N SER C 130 -14.26 5.78 15.45
CA SER C 130 -13.17 5.99 16.36
C SER C 130 -13.27 7.39 16.95
N ALA C 131 -12.94 7.53 18.22
CA ALA C 131 -13.02 8.83 18.88
C ALA C 131 -12.13 8.82 20.09
N TYR C 132 -11.86 10.02 20.61
CA TYR C 132 -11.23 10.11 21.92
C TYR C 132 -12.30 10.27 23.00
N VAL C 133 -13.13 11.29 22.87
CA VAL C 133 -14.29 11.48 23.71
C VAL C 133 -15.52 11.37 22.83
N SER C 134 -16.46 10.51 23.20
CA SER C 134 -17.60 10.23 22.35
C SER C 134 -18.88 10.22 23.16
N TYR C 135 -19.95 10.73 22.56
CA TYR C 135 -21.29 10.65 23.11
C TYR C 135 -22.19 10.01 22.07
N ASP C 136 -23.01 9.05 22.51
CA ASP C 136 -23.95 8.37 21.62
C ASP C 136 -25.30 8.34 22.32
N VAL C 137 -26.25 9.13 21.83
CA VAL C 137 -27.56 9.28 22.45
C VAL C 137 -28.61 9.07 21.37
N GLN C 138 -29.28 7.92 21.41
CA GLN C 138 -30.09 7.49 20.29
C GLN C 138 -31.39 6.88 20.76
N LYS C 139 -32.29 6.62 19.80
CA LYS C 139 -33.36 5.63 19.92
C LYS C 139 -34.27 5.93 21.11
N ARG C 140 -35.00 7.03 21.00
CA ARG C 140 -36.10 7.32 21.92
C ARG C 140 -35.67 7.52 23.36
N THR C 141 -34.74 8.42 23.59
CA THR C 141 -34.24 8.67 24.93
C THR C 141 -34.44 10.12 25.33
N ILE C 142 -34.46 10.37 26.63
CA ILE C 142 -34.65 11.69 27.20
C ILE C 142 -33.40 12.05 27.99
N TYR C 143 -32.89 13.25 27.78
CA TYR C 143 -31.55 13.65 28.20
C TYR C 143 -31.64 15.09 28.72
N LEU C 144 -31.93 15.25 30.01
CA LEU C 144 -32.26 16.57 30.56
C LEU C 144 -31.19 17.09 31.51
N ASN C 145 -30.90 18.38 31.40
CA ASN C 145 -30.16 19.21 32.34
C ASN C 145 -29.02 18.49 33.04
N ILE C 146 -28.09 17.98 32.25
CA ILE C 146 -26.88 17.42 32.79
C ILE C 146 -25.80 18.48 32.74
N THR C 147 -24.64 18.18 33.31
CA THR C 147 -23.51 19.13 33.33
C THR C 147 -22.23 18.34 33.10
N ASN C 148 -21.79 18.25 31.85
CA ASN C 148 -20.52 17.60 31.53
C ASN C 148 -19.39 18.61 31.66
N THR C 149 -18.25 18.15 32.17
CA THR C 149 -17.12 19.05 32.38
C THR C 149 -15.84 18.22 32.27
N LEU C 150 -15.18 18.30 31.12
CA LEU C 150 -13.94 17.58 30.89
C LEU C 150 -12.76 18.52 31.05
N ASN C 151 -11.66 17.99 31.58
CA ASN C 151 -10.41 18.73 31.69
C ASN C 151 -9.32 17.75 31.26
N ILE C 152 -9.07 17.70 29.96
CA ILE C 152 -8.21 16.68 29.38
C ILE C 152 -6.81 17.24 29.20
N THR C 153 -5.82 16.35 29.19
CA THR C 153 -4.44 16.69 28.89
C THR C 153 -3.82 15.47 28.24
N ASN C 154 -3.82 15.44 26.92
CA ASN C 154 -3.33 14.30 26.15
C ASN C 154 -2.18 14.73 25.26
N ASN C 155 -0.97 14.32 25.61
CA ASN C 155 0.22 14.68 24.85
C ASN C 155 0.98 13.41 24.47
N ASN C 156 1.42 13.32 23.23
CA ASN C 156 2.11 12.14 22.72
C ASN C 156 3.45 12.55 22.16
N TYR C 157 4.53 12.08 22.78
CA TYR C 157 5.88 12.42 22.34
C TYR C 157 6.50 11.17 21.71
N TYR C 158 6.30 10.99 20.41
CA TYR C 158 6.93 9.88 19.72
C TYR C 158 8.35 10.25 19.33
N SER C 159 9.27 9.33 19.55
CA SER C 159 10.63 9.47 19.04
C SER C 159 11.08 8.09 18.59
N VAL C 160 10.80 7.77 17.34
CA VAL C 160 10.98 6.41 16.86
C VAL C 160 12.12 6.37 15.86
N GLU C 161 12.62 5.16 15.62
CA GLU C 161 13.52 4.85 14.51
C GLU C 161 14.82 5.62 14.55
N VAL C 162 15.17 6.23 15.68
CA VAL C 162 16.41 6.99 15.80
C VAL C 162 17.58 6.03 15.75
N GLU C 163 18.30 6.00 14.64
CA GLU C 163 19.38 5.05 14.45
C GLU C 163 20.72 5.76 14.36
N ASN C 164 21.77 5.04 14.74
CA ASN C 164 23.15 5.55 14.70
C ASN C 164 23.98 4.41 14.12
N ILE C 165 24.06 4.36 12.81
CA ILE C 165 24.65 3.23 12.11
C ILE C 165 26.09 3.56 11.76
N THR C 166 26.95 2.55 11.73
CA THR C 166 28.34 2.73 11.33
C THR C 166 28.84 1.40 10.75
N ALA C 167 28.79 1.29 9.44
CA ALA C 167 29.04 0.03 8.76
C ALA C 167 30.18 0.13 7.77
N GLN C 168 31.00 -0.90 7.72
CA GLN C 168 31.97 -1.10 6.65
C GLN C 168 31.65 -2.41 5.96
N VAL C 169 31.50 -2.38 4.65
CA VAL C 169 31.11 -3.53 3.87
C VAL C 169 32.10 -3.67 2.73
N GLN C 170 33.13 -4.48 2.92
CA GLN C 170 34.09 -4.75 1.87
C GLN C 170 33.92 -6.18 1.38
N PHE C 171 34.37 -6.42 0.15
CA PHE C 171 34.39 -7.75 -0.40
C PHE C 171 35.78 -8.35 -0.46
N SER C 172 36.81 -7.52 -0.53
CA SER C 172 38.18 -7.99 -0.37
C SER C 172 39.00 -6.78 0.08
N LYS C 173 39.23 -6.67 1.37
CA LYS C 173 39.94 -5.53 1.94
C LYS C 173 41.38 -5.89 2.18
N THR C 174 42.30 -5.13 1.59
CA THR C 174 43.74 -5.24 1.84
C THR C 174 44.28 -6.61 1.45
N VAL C 175 44.26 -6.89 0.16
CA VAL C 175 44.93 -8.05 -0.39
C VAL C 175 46.24 -7.61 -1.04
N ILE C 176 47.36 -8.17 -0.59
CA ILE C 176 48.68 -7.76 -1.06
C ILE C 176 49.49 -9.02 -1.35
N GLY C 177 50.59 -8.83 -2.08
CA GLY C 177 51.62 -9.85 -2.17
C GLY C 177 51.31 -11.07 -3.00
N LYS C 178 51.05 -10.85 -4.30
CA LYS C 178 51.00 -11.94 -5.29
C LYS C 178 49.94 -12.98 -4.95
N ALA C 179 48.77 -12.54 -4.51
CA ALA C 179 47.65 -13.43 -4.28
C ALA C 179 46.80 -13.49 -5.53
N ARG C 180 45.79 -14.37 -5.51
CA ARG C 180 44.83 -14.39 -6.59
C ARG C 180 43.47 -14.86 -6.07
N LEU C 181 42.44 -14.10 -6.37
CA LEU C 181 41.09 -14.38 -5.91
C LEU C 181 40.23 -14.76 -7.12
N ASN C 182 39.13 -15.46 -6.85
CA ASN C 182 38.26 -15.90 -7.93
C ASN C 182 36.90 -16.27 -7.37
N ASN C 183 35.85 -15.88 -8.09
CA ASN C 183 34.47 -16.21 -7.73
C ASN C 183 34.23 -15.94 -6.24
N ILE C 184 34.41 -14.69 -5.85
CA ILE C 184 34.30 -14.34 -4.44
C ILE C 184 32.85 -14.42 -3.99
N THR C 185 31.97 -13.66 -4.64
CA THR C 185 30.55 -13.66 -4.33
C THR C 185 29.79 -14.01 -5.59
N ILE C 186 29.22 -15.20 -5.66
CA ILE C 186 28.51 -15.64 -6.85
C ILE C 186 27.11 -16.05 -6.46
N ILE C 187 26.13 -15.18 -6.75
CA ILE C 187 24.72 -15.51 -6.60
C ILE C 187 24.30 -16.14 -7.92
N GLY C 188 24.38 -17.47 -7.97
CA GLY C 188 24.27 -18.20 -9.21
C GLY C 188 22.89 -18.14 -9.84
N PRO C 189 22.67 -18.99 -10.84
CA PRO C 189 21.42 -18.94 -11.63
C PRO C 189 20.17 -18.80 -10.78
N LEU C 190 19.38 -17.78 -11.08
CA LEU C 190 18.23 -17.41 -10.26
C LEU C 190 16.98 -17.45 -11.12
N ASP C 191 15.89 -17.95 -10.58
CA ASP C 191 14.63 -17.99 -11.30
C ASP C 191 13.49 -17.70 -10.35
N MET C 192 12.56 -16.84 -10.77
CA MET C 192 11.36 -16.57 -10.02
C MET C 192 10.17 -16.56 -10.96
N LYS C 193 9.09 -17.20 -10.54
CA LYS C 193 7.86 -17.24 -11.31
C LYS C 193 6.74 -17.02 -10.31
N GLN C 194 6.42 -15.75 -10.05
CA GLN C 194 5.66 -15.44 -8.85
C GLN C 194 4.19 -15.85 -8.97
N ILE C 195 3.46 -15.22 -9.88
CA ILE C 195 2.04 -15.54 -10.05
C ILE C 195 1.89 -16.18 -11.42
N ASP C 196 1.61 -17.47 -11.43
CA ASP C 196 1.55 -18.22 -12.69
C ASP C 196 0.56 -19.36 -12.47
N TYR C 197 -0.71 -19.12 -12.77
CA TYR C 197 -1.70 -20.15 -12.51
C TYR C 197 -2.64 -20.28 -13.69
N THR C 198 -3.02 -21.51 -13.99
CA THR C 198 -3.83 -21.82 -15.16
C THR C 198 -5.22 -22.23 -14.71
N VAL C 199 -6.24 -21.63 -15.32
CA VAL C 199 -7.62 -21.97 -15.01
C VAL C 199 -8.32 -22.45 -16.27
N PRO C 200 -7.93 -23.58 -16.85
CA PRO C 200 -8.59 -24.02 -18.09
C PRO C 200 -10.02 -24.46 -17.82
N THR C 201 -10.86 -24.31 -18.83
CA THR C 201 -12.28 -24.66 -18.71
C THR C 201 -12.78 -25.16 -20.06
N VAL C 202 -13.21 -26.41 -20.11
CA VAL C 202 -13.74 -27.02 -21.32
C VAL C 202 -15.19 -27.39 -21.07
N ILE C 203 -16.11 -26.70 -21.75
CA ILE C 203 -17.54 -26.94 -21.60
C ILE C 203 -18.12 -27.18 -22.99
N ALA C 204 -19.13 -28.05 -23.06
CA ALA C 204 -19.82 -28.29 -24.32
C ALA C 204 -21.05 -27.42 -24.46
N GLU C 205 -21.92 -27.42 -23.46
CA GLU C 205 -23.14 -26.63 -23.48
C GLU C 205 -23.34 -25.99 -22.12
N GLU C 206 -23.37 -24.67 -22.09
CA GLU C 206 -23.56 -23.93 -20.86
C GLU C 206 -24.74 -22.97 -21.01
N MET C 207 -25.60 -22.93 -20.01
CA MET C 207 -26.71 -21.99 -19.95
C MET C 207 -26.72 -21.31 -18.59
N SER C 208 -26.87 -19.99 -18.59
CA SER C 208 -26.75 -19.21 -17.37
C SER C 208 -27.96 -18.32 -17.20
N TYR C 209 -28.43 -18.20 -15.96
CA TYR C 209 -29.55 -17.32 -15.62
C TYR C 209 -29.22 -16.62 -14.33
N MET C 210 -29.23 -15.28 -14.35
CA MET C 210 -28.95 -14.48 -13.17
C MET C 210 -30.01 -13.41 -13.04
N TYR C 211 -30.76 -13.44 -11.93
CA TYR C 211 -31.78 -12.44 -11.64
C TYR C 211 -31.32 -11.73 -10.37
N ASP C 212 -30.65 -10.60 -10.53
CA ASP C 212 -29.97 -9.94 -9.44
C ASP C 212 -30.70 -8.67 -9.04
N PHE C 213 -30.88 -8.49 -7.74
CA PHE C 213 -31.64 -7.38 -7.19
C PHE C 213 -30.95 -6.86 -5.96
N CYS C 214 -30.48 -5.61 -6.01
CA CYS C 214 -29.85 -4.97 -4.85
C CYS C 214 -28.69 -5.79 -4.31
N THR C 215 -27.93 -6.45 -5.17
CA THR C 215 -26.84 -7.30 -4.72
C THR C 215 -25.49 -6.66 -5.00
N LEU C 216 -24.46 -7.47 -4.82
CA LEU C 216 -23.09 -7.12 -5.15
C LEU C 216 -22.43 -8.41 -5.63
N ILE C 217 -22.30 -8.56 -6.95
CA ILE C 217 -21.80 -9.80 -7.56
C ILE C 217 -20.36 -9.59 -7.99
N SER C 218 -19.61 -10.68 -8.09
CA SER C 218 -18.34 -10.68 -8.77
C SER C 218 -18.12 -12.07 -9.36
N ILE C 219 -18.05 -12.16 -10.68
CA ILE C 219 -17.93 -13.43 -11.38
C ILE C 219 -16.61 -13.46 -12.11
N LYS C 220 -15.79 -14.45 -11.80
CA LYS C 220 -14.58 -14.78 -12.55
C LYS C 220 -13.61 -13.61 -12.67
N VAL C 221 -13.70 -12.63 -11.77
CA VAL C 221 -12.80 -11.48 -11.79
C VAL C 221 -11.42 -11.95 -11.38
N HIS C 222 -10.40 -11.13 -11.59
CA HIS C 222 -9.05 -11.43 -11.14
C HIS C 222 -8.47 -10.17 -10.51
N ASN C 223 -8.36 -10.16 -9.20
CA ASN C 223 -7.80 -9.02 -8.48
C ASN C 223 -6.40 -9.42 -8.03
N ILE C 224 -5.38 -8.78 -8.61
CA ILE C 224 -3.99 -9.06 -8.29
C ILE C 224 -3.34 -7.77 -7.83
N VAL C 225 -2.58 -7.83 -6.74
CA VAL C 225 -1.76 -6.73 -6.26
C VAL C 225 -0.37 -7.27 -5.95
N LEU C 226 0.65 -6.65 -6.53
CA LEU C 226 2.01 -7.12 -6.36
C LEU C 226 2.90 -5.93 -6.12
N MET C 227 3.71 -5.98 -5.06
CA MET C 227 4.51 -4.84 -4.65
C MET C 227 5.89 -5.32 -4.25
N MET C 228 6.89 -5.06 -5.07
CA MET C 228 8.27 -5.43 -4.79
C MET C 228 9.00 -4.19 -4.31
N GLN C 229 9.40 -4.18 -3.04
CA GLN C 229 10.03 -2.98 -2.50
C GLN C 229 11.49 -2.90 -2.90
N VAL C 230 12.31 -3.82 -2.41
CA VAL C 230 13.75 -3.79 -2.64
C VAL C 230 14.12 -5.15 -3.25
N THR C 231 14.08 -5.22 -4.57
CA THR C 231 14.43 -6.45 -5.26
C THR C 231 15.95 -6.47 -5.44
N VAL C 232 16.46 -7.30 -6.33
CA VAL C 232 17.89 -7.59 -6.46
C VAL C 232 18.70 -6.33 -6.31
N THR C 233 19.66 -6.34 -5.39
CA THR C 233 20.42 -5.15 -5.07
C THR C 233 21.68 -5.56 -4.34
N THR C 234 22.32 -4.59 -3.72
CA THR C 234 23.45 -4.84 -2.83
C THR C 234 23.60 -3.64 -1.94
N THR C 235 23.77 -3.88 -0.64
CA THR C 235 24.15 -2.84 0.30
C THR C 235 23.11 -1.72 0.35
N TYR C 236 21.94 -2.07 0.84
CA TYR C 236 20.89 -1.09 1.10
C TYR C 236 21.00 -0.61 2.54
N PHE C 237 20.74 0.69 2.74
CA PHE C 237 20.69 1.29 4.07
C PHE C 237 19.37 2.02 4.23
N GLY C 238 19.04 2.33 5.48
CA GLY C 238 17.93 3.26 5.70
C GLY C 238 16.63 2.67 6.21
N HIS C 239 15.60 2.70 5.37
CA HIS C 239 14.25 2.38 5.81
C HIS C 239 13.43 1.99 4.60
N SER C 240 12.41 1.18 4.82
CA SER C 240 11.54 0.71 3.76
C SER C 240 10.13 0.55 4.30
N GLU C 241 9.12 0.73 3.46
CA GLU C 241 7.75 0.65 3.93
C GLU C 241 6.83 0.24 2.81
N GLN C 242 5.91 -0.67 3.11
CA GLN C 242 4.92 -1.14 2.15
C GLN C 242 3.57 -1.17 2.84
N ILE C 243 2.58 -0.48 2.29
CA ILE C 243 1.26 -0.39 2.88
C ILE C 243 0.23 -0.54 1.77
N SER C 244 -0.84 -1.30 2.04
CA SER C 244 -1.91 -1.48 1.08
C SER C 244 -3.24 -1.61 1.81
N GLN C 245 -4.30 -1.08 1.22
CA GLN C 245 -5.65 -1.24 1.77
C GLN C 245 -6.66 -0.89 0.69
N GLU C 246 -7.53 -1.82 0.31
CA GLU C 246 -8.23 -1.66 -0.96
C GLU C 246 -9.72 -1.95 -0.81
N ARG C 247 -10.44 -1.69 -1.90
CA ARG C 247 -11.76 -2.22 -2.15
C ARG C 247 -12.73 -1.96 -0.99
N TYR C 248 -13.09 -0.70 -0.84
CA TYR C 248 -14.25 -0.36 -0.02
C TYR C 248 -15.45 -0.36 -0.94
N GLN C 249 -16.10 -1.51 -1.06
CA GLN C 249 -17.27 -1.66 -1.91
C GLN C 249 -18.53 -1.70 -1.07
N TYR C 250 -19.66 -1.42 -1.70
CA TYR C 250 -20.79 -0.96 -0.92
C TYR C 250 -22.04 -0.99 -1.79
N VAL C 251 -23.16 -1.40 -1.20
CA VAL C 251 -24.46 -1.37 -1.87
C VAL C 251 -25.52 -1.01 -0.84
N ASP C 252 -26.39 -0.08 -1.19
CA ASP C 252 -27.40 0.40 -0.25
C ASP C 252 -28.73 0.51 -0.97
N CYS C 253 -29.75 -0.18 -0.46
CA CYS C 253 -31.07 -0.14 -1.06
C CYS C 253 -32.09 0.28 0.00
N GLY C 254 -33.11 1.01 -0.43
CA GLY C 254 -34.14 1.48 0.48
C GLY C 254 -35.51 0.92 0.18
#